data_1F4E
#
_entry.id   1F4E
#
_cell.length_a   131.880
_cell.length_b   131.880
_cell.length_c   131.880
_cell.angle_alpha   90.00
_cell.angle_beta   90.00
_cell.angle_gamma   90.00
#
_symmetry.space_group_name_H-M   'I 21 3'
#
loop_
_entity.id
_entity.type
_entity.pdbx_description
1 polymer 'THYMIDYLATE SYNTHASE'
2 non-polymer 'SULFATE ION'
3 non-polymer TOSYL-D-PROLINE
4 non-polymer GLYCEROL
5 water water
#
_entity_poly.entity_id   1
_entity_poly.type   'polypeptide(L)'
_entity_poly.pdbx_seq_one_letter_code
;(CXM)KQYLELMQKVLDEGTQKNDRTGTGTLSIFGHQMRFNLQDGFPLVTTKRCHLRSIIHELLWFLQGDTNIAYLHENN
VTIWDEWADENGDLGPVYGKQWRAWPTPDGRHIDQITTVLNQLKNDPDSRRIIVSAWNVGELDKMALAPCHAFFQFYVAD
GKLSCQLYQRSCDVFLGLPFNIASYALLVHMMAQQCDLEVGDFVWTGGDTHLYSNHMDQTHLQLSREPRPLPKLIIKRKP
ESIFDYRFEDFEIEGYDPHPGIKAPVAI
;
_entity_poly.pdbx_strand_id   A
#
loop_
_chem_comp.id
_chem_comp.type
_chem_comp.name
_chem_comp.formula
GOL non-polymer GLYCEROL 'C3 H8 O3'
SO4 non-polymer 'SULFATE ION' 'O4 S -2'
TPR non-polymer TOSYL-D-PROLINE 'C12 H15 N O4 S'
#
# COMPACT_ATOMS: atom_id res chain seq x y z
N CXM A 1 -7.05 3.31 13.88
CA CXM A 1 -6.04 4.02 14.47
CB CXM A 1 -4.77 4.09 13.57
CG CXM A 1 -4.17 2.72 13.29
SD CXM A 1 -2.66 2.74 12.27
CE CXM A 1 -3.49 2.75 10.66
C CXM A 1 -6.48 5.49 14.56
O CXM A 1 -7.22 5.92 13.65
CN CXM A 1 -7.26 2.16 14.59
ON1 CXM A 1 -7.97 1.49 13.84
ON2 CXM A 1 -6.42 1.38 15.04
N LYS A 2 -5.97 6.29 15.47
CA LYS A 2 -6.40 7.68 15.56
C LYS A 2 -6.35 8.47 14.27
N GLN A 3 -5.25 8.44 13.53
CA GLN A 3 -5.19 9.22 12.27
C GLN A 3 -6.20 8.74 11.23
N TYR A 4 -6.37 7.43 11.16
CA TYR A 4 -7.31 6.84 10.21
C TYR A 4 -8.75 7.25 10.54
N LEU A 5 -9.14 7.17 11.83
CA LEU A 5 -10.48 7.56 12.22
C LEU A 5 -10.68 9.06 12.00
N GLU A 6 -9.63 9.87 12.23
CA GLU A 6 -9.78 11.30 12.01
C GLU A 6 -10.04 11.56 10.53
N LEU A 7 -9.35 10.80 9.68
CA LEU A 7 -9.62 10.95 8.23
C LEU A 7 -11.03 10.52 7.89
N MET A 8 -11.56 9.41 8.43
CA MET A 8 -12.95 9.06 8.15
C MET A 8 -13.91 10.18 8.50
N GLN A 9 -13.73 10.72 9.72
CA GLN A 9 -14.63 11.77 10.21
C GLN A 9 -14.53 13.00 9.32
N LYS A 10 -13.32 13.30 8.87
CA LYS A 10 -13.12 14.44 7.99
C LYS A 10 -13.88 14.31 6.67
N VAL A 11 -13.82 13.13 6.03
CA VAL A 11 -14.56 12.92 4.79
C VAL A 11 -16.07 13.07 5.03
N LEU A 12 -16.54 12.52 6.13
CA LEU A 12 -17.95 12.65 6.51
C LEU A 12 -18.25 14.13 6.76
N ASP A 13 -17.42 14.83 7.53
CA ASP A 13 -17.72 16.22 7.84
C ASP A 13 -17.59 17.13 6.62
N GLU A 14 -16.61 16.90 5.78
CA GLU A 14 -16.45 17.85 4.67
C GLU A 14 -16.36 17.29 3.27
N GLY A 15 -16.56 15.99 3.10
CA GLY A 15 -16.49 15.45 1.74
C GLY A 15 -17.66 16.02 0.95
N THR A 16 -17.49 16.10 -0.35
CA THR A 16 -18.53 16.58 -1.25
C THR A 16 -19.10 15.37 -2.00
N GLN A 17 -20.39 15.40 -2.33
CA GLN A 17 -21.04 14.30 -3.03
C GLN A 17 -20.45 14.09 -4.42
N LYS A 18 -19.82 12.97 -4.71
CA LYS A 18 -19.16 12.71 -5.99
C LYS A 18 -19.20 11.23 -6.40
N ASN A 19 -19.63 10.98 -7.64
CA ASN A 19 -19.70 9.63 -8.18
C ASN A 19 -18.36 9.10 -8.72
N ASP A 20 -18.24 7.78 -8.77
CA ASP A 20 -17.06 7.17 -9.37
C ASP A 20 -17.40 6.81 -10.81
N ARG A 21 -16.47 6.20 -11.51
CA ARG A 21 -16.58 5.82 -12.90
C ARG A 21 -17.74 4.88 -13.17
N THR A 22 -18.01 4.00 -12.21
CA THR A 22 -19.11 3.05 -12.25
C THR A 22 -20.44 3.79 -12.13
N GLY A 23 -20.52 4.80 -11.29
CA GLY A 23 -21.77 5.52 -11.08
C GLY A 23 -22.12 5.40 -9.60
N THR A 24 -21.32 4.67 -8.83
CA THR A 24 -21.58 4.61 -7.39
C THR A 24 -21.15 5.95 -6.76
N GLY A 25 -22.02 6.56 -5.98
CA GLY A 25 -21.75 7.84 -5.34
C GLY A 25 -20.76 7.71 -4.19
N THR A 26 -20.08 8.82 -3.91
CA THR A 26 -19.11 8.86 -2.82
C THR A 26 -19.20 10.27 -2.21
N LEU A 27 -18.64 10.38 -1.02
CA LEU A 27 -18.36 11.63 -0.37
C LEU A 27 -16.82 11.78 -0.60
N SER A 28 -16.33 12.93 -1.02
CA SER A 28 -14.93 13.03 -1.37
C SER A 28 -14.20 14.30 -0.97
N ILE A 29 -12.94 14.17 -0.54
CA ILE A 29 -12.12 15.35 -0.23
C ILE A 29 -10.91 15.24 -1.16
N PHE A 30 -10.20 16.34 -1.38
CA PHE A 30 -9.02 16.20 -2.26
C PHE A 30 -7.78 16.67 -1.47
N GLY A 31 -6.79 15.80 -1.31
CA GLY A 31 -5.59 16.29 -0.57
C GLY A 31 -5.69 15.98 0.92
N HIS A 32 -4.89 15.07 1.45
CA HIS A 32 -4.84 14.74 2.84
C HIS A 32 -3.47 14.14 3.11
N GLN A 33 -3.04 14.21 4.36
CA GLN A 33 -1.73 13.66 4.70
C GLN A 33 -1.74 13.14 6.13
N MET A 34 -1.17 11.97 6.38
CA MET A 34 -1.08 11.36 7.67
C MET A 34 0.33 10.81 7.89
N ARG A 35 0.75 10.71 9.13
CA ARG A 35 2.10 10.19 9.40
C ARG A 35 2.03 9.11 10.47
N PHE A 36 2.71 8.01 10.19
CA PHE A 36 2.78 6.89 11.10
C PHE A 36 4.23 6.70 11.51
N ASN A 37 4.53 6.93 12.79
CA ASN A 37 5.90 6.64 13.27
C ASN A 37 5.95 5.12 13.48
N LEU A 38 6.71 4.43 12.64
CA LEU A 38 6.77 2.97 12.62
C LEU A 38 7.42 2.41 13.89
N GLN A 39 8.15 3.27 14.59
CA GLN A 39 8.67 2.87 15.90
C GLN A 39 7.55 2.88 16.94
N ASP A 40 6.40 3.49 16.68
CA ASP A 40 5.30 3.42 17.62
C ASP A 40 4.56 2.08 17.47
N GLY A 41 4.77 1.31 16.40
CA GLY A 41 4.04 0.05 16.26
C GLY A 41 3.58 -0.09 14.81
N PHE A 42 3.29 -1.33 14.41
CA PHE A 42 2.92 -1.58 13.01
C PHE A 42 1.52 -1.02 12.77
N PRO A 43 1.37 -0.14 11.78
CA PRO A 43 0.13 0.57 11.53
C PRO A 43 -0.97 -0.21 10.83
N LEU A 44 -1.45 -1.27 11.50
CA LEU A 44 -2.57 -2.09 11.05
C LEU A 44 -3.83 -1.68 11.80
N VAL A 45 -4.85 -1.17 11.11
CA VAL A 45 -6.10 -0.72 11.72
C VAL A 45 -6.60 -1.71 12.78
N THR A 46 -6.94 -1.21 13.96
CA THR A 46 -7.46 -2.07 15.02
C THR A 46 -8.96 -1.88 15.20
N THR A 47 -9.56 -0.85 14.62
CA THR A 47 -11.00 -0.66 14.81
C THR A 47 -11.89 -1.57 13.96
N LYS A 48 -11.27 -2.42 13.16
CA LYS A 48 -11.92 -3.51 12.45
C LYS A 48 -10.84 -4.57 12.15
N ARG A 49 -11.16 -5.86 12.15
CA ARG A 49 -10.11 -6.84 11.92
C ARG A 49 -9.65 -6.78 10.46
N CYS A 50 -8.35 -6.65 10.24
CA CYS A 50 -7.80 -6.56 8.91
C CYS A 50 -6.86 -7.73 8.70
N HIS A 51 -7.07 -8.49 7.64
CA HIS A 51 -6.22 -9.66 7.40
C HIS A 51 -5.02 -9.27 6.53
N LEU A 52 -3.83 -9.77 6.82
CA LEU A 52 -2.70 -9.39 5.99
C LEU A 52 -2.17 -10.46 5.06
N ARG A 53 -2.73 -11.66 5.10
CA ARG A 53 -2.27 -12.74 4.24
C ARG A 53 -2.15 -12.30 2.79
N SER A 54 -3.19 -11.76 2.20
CA SER A 54 -3.16 -11.35 0.80
C SER A 54 -2.18 -10.23 0.50
N ILE A 55 -2.08 -9.32 1.44
CA ILE A 55 -1.22 -8.14 1.33
C ILE A 55 0.25 -8.55 1.30
N ILE A 56 0.64 -9.50 2.16
CA ILE A 56 2.00 -9.99 2.18
C ILE A 56 2.32 -10.68 0.85
N HIS A 57 1.45 -11.58 0.40
CA HIS A 57 1.75 -12.24 -0.88
C HIS A 57 1.78 -11.19 -2.00
N GLU A 58 0.85 -10.22 -1.94
CA GLU A 58 0.81 -9.21 -3.01
C GLU A 58 2.15 -8.44 -3.08
N LEU A 59 2.69 -8.05 -1.93
CA LEU A 59 3.94 -7.29 -1.91
C LEU A 59 5.11 -8.08 -2.46
N LEU A 60 5.20 -9.38 -2.12
CA LEU A 60 6.25 -10.27 -2.62
C LEU A 60 6.14 -10.40 -4.13
N TRP A 61 4.90 -10.50 -4.63
CA TRP A 61 4.60 -10.61 -6.05
C TRP A 61 4.97 -9.28 -6.71
N PHE A 62 4.66 -8.13 -6.10
CA PHE A 62 5.05 -6.86 -6.72
C PHE A 62 6.58 -6.79 -6.86
N LEU A 63 7.29 -7.18 -5.80
CA LEU A 63 8.76 -7.11 -5.78
C LEU A 63 9.41 -8.04 -6.78
N GLN A 64 8.74 -9.13 -7.11
CA GLN A 64 9.22 -10.07 -8.14
C GLN A 64 9.08 -9.46 -9.52
N GLY A 65 8.17 -8.49 -9.73
CA GLY A 65 8.02 -7.83 -11.02
C GLY A 65 6.98 -8.45 -11.92
N ASP A 66 6.33 -9.48 -11.40
CA ASP A 66 5.30 -10.27 -12.01
C ASP A 66 3.95 -9.56 -12.06
N THR A 67 3.31 -9.61 -13.20
CA THR A 67 1.96 -9.05 -13.26
C THR A 67 0.99 -10.18 -13.67
N ASN A 68 1.46 -11.40 -13.83
CA ASN A 68 0.49 -12.48 -14.15
C ASN A 68 0.02 -12.96 -12.77
N ILE A 69 -1.26 -13.20 -12.57
CA ILE A 69 -1.68 -13.63 -11.24
C ILE A 69 -1.49 -15.10 -10.91
N ALA A 70 -0.87 -15.95 -11.70
CA ALA A 70 -0.65 -17.34 -11.28
C ALA A 70 0.05 -17.47 -9.94
N TYR A 71 1.07 -16.70 -9.53
CA TYR A 71 1.66 -16.81 -8.20
C TYR A 71 0.59 -16.56 -7.14
N LEU A 72 -0.24 -15.53 -7.36
CA LEU A 72 -1.28 -15.24 -6.39
C LEU A 72 -2.24 -16.46 -6.36
N HIS A 73 -2.59 -16.97 -7.53
CA HIS A 73 -3.43 -18.18 -7.58
C HIS A 73 -2.78 -19.40 -6.98
N GLU A 74 -1.50 -19.68 -7.06
CA GLU A 74 -0.82 -20.76 -6.37
C GLU A 74 -1.08 -20.64 -4.85
N ASN A 75 -1.28 -19.44 -4.31
CA ASN A 75 -1.48 -19.27 -2.87
C ASN A 75 -2.91 -18.97 -2.47
N ASN A 76 -3.84 -19.12 -3.39
CA ASN A 76 -5.24 -18.81 -3.29
C ASN A 76 -5.48 -17.37 -2.83
N VAL A 77 -4.74 -16.45 -3.46
CA VAL A 77 -4.96 -15.00 -3.23
C VAL A 77 -5.76 -14.53 -4.43
N THR A 78 -6.97 -14.03 -4.24
CA THR A 78 -7.87 -13.70 -5.33
C THR A 78 -8.19 -12.23 -5.48
N ILE A 79 -7.47 -11.35 -4.79
CA ILE A 79 -7.75 -9.92 -4.86
C ILE A 79 -7.50 -9.29 -6.23
N TRP A 80 -6.76 -9.88 -7.16
CA TRP A 80 -6.59 -9.27 -8.48
C TRP A 80 -7.42 -9.94 -9.56
N ASP A 81 -8.13 -11.00 -9.15
CA ASP A 81 -8.93 -11.79 -10.09
C ASP A 81 -9.88 -10.99 -10.95
N GLU A 82 -10.60 -10.03 -10.40
CA GLU A 82 -11.58 -9.30 -11.21
C GLU A 82 -10.95 -8.46 -12.32
N TRP A 83 -9.65 -8.16 -12.28
CA TRP A 83 -9.00 -7.40 -13.31
C TRP A 83 -8.22 -8.24 -14.31
N ALA A 84 -7.97 -9.49 -13.99
CA ALA A 84 -7.14 -10.34 -14.84
C ALA A 84 -7.91 -10.89 -16.04
N ASP A 85 -7.23 -11.03 -17.16
CA ASP A 85 -7.87 -11.61 -18.35
C ASP A 85 -7.83 -13.14 -18.24
N GLU A 86 -8.24 -13.84 -19.30
CA GLU A 86 -8.27 -15.30 -19.29
C GLU A 86 -6.94 -15.94 -18.92
N ASN A 87 -5.79 -15.45 -19.36
CA ASN A 87 -4.49 -16.03 -19.07
C ASN A 87 -3.93 -15.65 -17.70
N GLY A 88 -4.68 -14.83 -16.95
CA GLY A 88 -4.27 -14.32 -15.67
C GLY A 88 -3.50 -13.00 -15.78
N ASP A 89 -3.43 -12.43 -16.97
CA ASP A 89 -2.66 -11.21 -17.21
C ASP A 89 -3.40 -9.93 -16.86
N LEU A 90 -2.61 -9.02 -16.28
CA LEU A 90 -3.06 -7.70 -15.91
C LEU A 90 -2.42 -6.59 -16.73
N GLY A 91 -1.54 -6.88 -17.66
CA GLY A 91 -0.84 -5.73 -18.32
C GLY A 91 0.25 -5.27 -17.33
N PRO A 92 0.99 -4.22 -17.67
CA PRO A 92 2.18 -3.80 -16.95
C PRO A 92 1.97 -2.92 -15.72
N VAL A 93 1.19 -3.46 -14.78
CA VAL A 93 0.80 -2.80 -13.56
C VAL A 93 1.99 -2.81 -12.59
N TYR A 94 1.78 -2.24 -11.43
CA TYR A 94 2.72 -2.05 -10.37
C TYR A 94 4.04 -2.78 -10.51
N GLY A 95 4.08 -4.09 -10.28
CA GLY A 95 5.30 -4.86 -10.35
C GLY A 95 6.15 -4.64 -11.61
N LYS A 96 5.55 -4.60 -12.78
CA LYS A 96 6.31 -4.41 -14.02
C LYS A 96 6.99 -3.04 -14.00
N GLN A 97 6.35 -2.00 -13.47
CA GLN A 97 6.99 -0.69 -13.41
C GLN A 97 8.07 -0.65 -12.33
N TRP A 98 7.84 -1.28 -11.17
CA TRP A 98 8.84 -1.27 -10.12
C TRP A 98 10.17 -1.91 -10.54
N ARG A 99 10.08 -3.05 -11.24
CA ARG A 99 11.23 -3.82 -11.60
C ARG A 99 11.74 -3.72 -13.04
N ALA A 100 10.90 -3.31 -13.97
CA ALA A 100 11.25 -3.34 -15.39
C ALA A 100 10.57 -2.27 -16.23
N TRP A 101 10.56 -1.05 -15.73
CA TRP A 101 9.96 0.11 -16.42
C TRP A 101 10.60 0.19 -17.79
N PRO A 102 9.85 0.06 -18.86
CA PRO A 102 10.38 0.07 -20.21
C PRO A 102 10.69 1.46 -20.71
N THR A 103 11.85 1.63 -21.33
CA THR A 103 12.26 2.96 -21.83
C THR A 103 12.14 2.98 -23.34
N PRO A 104 12.17 4.16 -23.96
CA PRO A 104 12.10 4.28 -25.39
C PRO A 104 13.27 3.59 -26.06
N ASP A 105 14.46 3.51 -25.46
CA ASP A 105 15.59 2.82 -26.06
C ASP A 105 15.66 1.34 -25.77
N GLY A 106 14.66 0.68 -25.21
CA GLY A 106 14.66 -0.76 -25.07
C GLY A 106 15.20 -1.29 -23.77
N ARG A 107 15.49 -0.44 -22.78
CA ARG A 107 15.97 -0.93 -21.51
C ARG A 107 14.75 -1.19 -20.62
N HIS A 108 14.96 -1.96 -19.56
CA HIS A 108 13.96 -2.25 -18.54
C HIS A 108 14.53 -1.79 -17.20
N ILE A 109 13.99 -0.72 -16.61
CA ILE A 109 14.66 -0.16 -15.42
C ILE A 109 14.21 -0.76 -14.11
N ASP A 110 15.15 -1.21 -13.30
CA ASP A 110 14.84 -1.84 -12.02
C ASP A 110 14.85 -0.79 -10.92
N GLN A 111 13.67 -0.20 -10.64
CA GLN A 111 13.65 0.92 -9.69
C GLN A 111 13.88 0.48 -8.26
N ILE A 112 13.51 -0.76 -7.92
CA ILE A 112 13.74 -1.25 -6.56
C ILE A 112 15.24 -1.39 -6.28
N THR A 113 15.94 -1.98 -7.23
CA THR A 113 17.41 -2.13 -7.06
C THR A 113 18.03 -0.73 -7.08
N THR A 114 17.59 0.14 -7.99
CA THR A 114 18.14 1.51 -7.97
C THR A 114 18.00 2.16 -6.59
N VAL A 115 16.82 2.11 -5.98
CA VAL A 115 16.60 2.76 -4.69
C VAL A 115 17.37 2.09 -3.57
N LEU A 116 17.56 0.79 -3.60
CA LEU A 116 18.36 0.11 -2.56
C LEU A 116 19.81 0.58 -2.66
N ASN A 117 20.30 0.72 -3.89
CA ASN A 117 21.63 1.18 -4.21
C ASN A 117 21.83 2.62 -3.66
N GLN A 118 20.84 3.48 -3.92
CA GLN A 118 20.84 4.84 -3.45
C GLN A 118 20.78 4.86 -1.91
N LEU A 119 19.98 4.04 -1.24
CA LEU A 119 19.90 4.05 0.20
C LEU A 119 21.21 3.61 0.86
N LYS A 120 21.90 2.67 0.25
CA LYS A 120 23.15 2.20 0.80
C LYS A 120 24.32 3.12 0.46
N ASN A 121 24.37 3.70 -0.71
CA ASN A 121 25.50 4.52 -1.11
C ASN A 121 25.29 6.01 -1.12
N ASP A 122 24.05 6.51 -1.13
CA ASP A 122 23.82 7.96 -1.16
C ASP A 122 22.53 8.32 -0.43
N PRO A 123 22.42 7.91 0.83
CA PRO A 123 21.27 8.07 1.67
C PRO A 123 20.74 9.49 1.78
N ASP A 124 21.51 10.54 1.58
CA ASP A 124 21.01 11.89 1.63
C ASP A 124 20.32 12.28 0.30
N SER A 125 20.38 11.42 -0.72
CA SER A 125 19.73 11.82 -1.96
C SER A 125 18.30 12.27 -1.74
N ARG A 126 17.91 13.28 -2.53
CA ARG A 126 16.53 13.75 -2.54
C ARG A 126 15.71 13.22 -3.71
N ARG A 127 16.21 12.18 -4.35
CA ARG A 127 15.54 11.57 -5.50
C ARG A 127 15.51 10.05 -5.40
N ILE A 128 15.28 9.52 -4.20
CA ILE A 128 15.17 8.08 -3.98
C ILE A 128 13.69 7.73 -4.15
N ILE A 129 13.32 7.55 -5.39
CA ILE A 129 11.91 7.44 -5.80
C ILE A 129 11.61 6.21 -6.60
N VAL A 130 10.39 5.68 -6.46
CA VAL A 130 9.87 4.61 -7.31
C VAL A 130 8.54 5.18 -7.86
N SER A 131 8.32 5.15 -9.15
CA SER A 131 7.07 5.56 -9.75
C SER A 131 6.47 4.41 -10.59
N ALA A 132 5.17 4.28 -10.44
CA ALA A 132 4.45 3.25 -11.19
C ALA A 132 3.67 3.96 -12.28
N TRP A 133 3.77 5.31 -12.25
CA TRP A 133 3.02 6.12 -13.20
C TRP A 133 3.81 6.29 -14.50
N ASN A 134 3.79 5.22 -15.30
CA ASN A 134 4.46 5.18 -16.60
C ASN A 134 3.40 5.54 -17.63
N VAL A 135 3.35 6.82 -18.00
CA VAL A 135 2.31 7.35 -18.88
C VAL A 135 2.10 6.56 -20.18
N GLY A 136 3.15 6.10 -20.82
CA GLY A 136 3.00 5.39 -22.08
C GLY A 136 2.43 3.98 -21.91
N GLU A 137 2.42 3.40 -20.73
CA GLU A 137 1.92 2.08 -20.49
C GLU A 137 0.52 2.06 -19.86
N LEU A 138 -0.05 3.19 -19.44
CA LEU A 138 -1.33 3.19 -18.74
C LEU A 138 -2.42 2.47 -19.53
N ASP A 139 -2.49 2.73 -20.83
CA ASP A 139 -3.51 2.06 -21.65
C ASP A 139 -3.42 0.54 -21.63
N LYS A 140 -2.25 -0.07 -21.46
CA LYS A 140 -2.15 -1.51 -21.43
C LYS A 140 -2.46 -2.13 -20.07
N MET A 141 -2.51 -1.31 -19.04
CA MET A 141 -2.73 -1.79 -17.67
C MET A 141 -4.19 -2.14 -17.42
N ALA A 142 -4.47 -3.16 -16.59
CA ALA A 142 -5.87 -3.50 -16.28
C ALA A 142 -6.48 -2.32 -15.53
N LEU A 143 -5.63 -1.62 -14.77
CA LEU A 143 -6.06 -0.40 -14.12
C LEU A 143 -4.86 0.49 -13.78
N ALA A 144 -5.13 1.80 -13.83
CA ALA A 144 -4.02 2.75 -13.56
C ALA A 144 -3.66 2.66 -12.09
N PRO A 145 -2.38 2.75 -11.75
CA PRO A 145 -1.94 2.68 -10.39
C PRO A 145 -2.63 3.64 -9.42
N CYS A 146 -3.18 3.18 -8.29
CA CYS A 146 -3.76 4.08 -7.33
C CYS A 146 -2.62 4.56 -6.42
N HIS A 147 -1.79 3.65 -5.95
CA HIS A 147 -0.60 4.03 -5.15
C HIS A 147 0.47 4.23 -6.21
N ALA A 148 0.60 5.48 -6.66
CA ALA A 148 1.31 5.77 -7.90
C ALA A 148 2.81 6.03 -7.85
N PHE A 149 3.24 6.54 -6.67
CA PHE A 149 4.68 6.84 -6.58
C PHE A 149 5.07 7.02 -5.13
N PHE A 150 6.34 6.70 -4.84
CA PHE A 150 6.74 6.82 -3.43
C PHE A 150 8.22 7.19 -3.37
N GLN A 151 8.57 7.86 -2.29
CA GLN A 151 9.91 8.39 -2.11
C GLN A 151 10.45 7.97 -0.76
N PHE A 152 11.74 7.67 -0.72
CA PHE A 152 12.34 7.29 0.54
C PHE A 152 13.21 8.45 1.05
N TYR A 153 13.49 8.36 2.34
CA TYR A 153 14.33 9.42 2.93
C TYR A 153 15.04 8.84 4.16
N VAL A 154 16.27 9.30 4.34
CA VAL A 154 17.02 8.82 5.49
C VAL A 154 17.48 9.95 6.41
N ALA A 155 17.18 9.82 7.70
CA ALA A 155 17.69 10.79 8.66
C ALA A 155 17.90 10.08 10.00
N ASP A 156 19.03 10.38 10.64
CA ASP A 156 19.38 9.82 11.95
C ASP A 156 19.23 8.33 12.05
N GLY A 157 19.75 7.58 11.08
CA GLY A 157 19.68 6.12 11.06
C GLY A 157 18.31 5.54 10.77
N LYS A 158 17.30 6.34 10.42
CA LYS A 158 15.96 5.86 10.18
C LYS A 158 15.47 6.02 8.74
N LEU A 159 14.76 5.01 8.27
CA LEU A 159 14.23 5.02 6.92
C LEU A 159 12.77 5.46 6.90
N SER A 160 12.45 6.56 6.20
CA SER A 160 11.06 6.96 6.09
C SER A 160 10.62 6.75 4.63
N CYS A 161 9.31 6.80 4.38
CA CYS A 161 8.80 6.63 3.04
C CYS A 161 7.50 7.41 2.92
N GLN A 162 7.32 8.17 1.85
CA GLN A 162 6.10 8.88 1.56
C GLN A 162 5.46 8.28 0.31
N LEU A 163 4.18 7.94 0.39
CA LEU A 163 3.42 7.43 -0.75
C LEU A 163 2.44 8.49 -1.21
N TYR A 164 2.31 8.63 -2.53
CA TYR A 164 1.29 9.52 -3.08
C TYR A 164 0.24 8.57 -3.66
N GLN A 165 -0.98 8.63 -3.14
CA GLN A 165 -2.05 7.77 -3.61
C GLN A 165 -3.07 8.65 -4.30
N ARG A 166 -3.21 8.56 -5.62
CA ARG A 166 -4.07 9.38 -6.41
C ARG A 166 -5.55 9.17 -6.07
N SER A 167 -5.94 7.94 -5.73
CA SER A 167 -7.36 7.69 -5.46
C SER A 167 -7.42 6.72 -4.27
N CYS A 168 -8.29 6.99 -3.32
CA CYS A 168 -8.32 6.15 -2.12
C CYS A 168 -9.75 5.87 -1.63
N ASP A 169 -10.12 4.60 -1.55
CA ASP A 169 -11.38 4.17 -0.91
C ASP A 169 -10.97 4.00 0.57
N VAL A 170 -11.34 4.96 1.39
CA VAL A 170 -10.93 5.01 2.79
C VAL A 170 -11.36 3.77 3.56
N PHE A 171 -12.58 3.31 3.33
CA PHE A 171 -13.05 2.14 4.09
C PHE A 171 -12.38 0.85 3.67
N LEU A 172 -12.55 0.52 2.37
CA LEU A 172 -12.03 -0.75 1.90
C LEU A 172 -10.55 -0.83 1.60
N GLY A 173 -9.99 0.13 0.84
CA GLY A 173 -8.58 -0.01 0.46
C GLY A 173 -7.55 0.54 1.42
N LEU A 174 -7.78 1.72 1.99
CA LEU A 174 -6.77 2.38 2.81
C LEU A 174 -6.10 1.55 3.87
N PRO A 175 -6.78 0.77 4.70
CA PRO A 175 -6.12 -0.04 5.73
C PRO A 175 -5.04 -0.92 5.17
N PHE A 176 -5.32 -1.51 4.02
CA PHE A 176 -4.39 -2.39 3.33
C PHE A 176 -3.24 -1.64 2.67
N ASN A 177 -3.51 -0.52 2.03
CA ASN A 177 -2.45 0.29 1.41
C ASN A 177 -1.46 0.69 2.50
N ILE A 178 -1.95 1.17 3.66
CA ILE A 178 -1.01 1.54 4.72
C ILE A 178 -0.13 0.37 5.13
N ALA A 179 -0.76 -0.76 5.47
CA ALA A 179 0.02 -1.95 5.89
C ALA A 179 1.04 -2.39 4.84
N SER A 180 0.66 -2.42 3.58
CA SER A 180 1.58 -2.83 2.51
C SER A 180 2.85 -1.99 2.48
N TYR A 181 2.69 -0.65 2.44
CA TYR A 181 3.90 0.19 2.37
C TYR A 181 4.66 0.13 3.68
N ALA A 182 3.98 0.00 4.82
CA ALA A 182 4.70 -0.10 6.11
C ALA A 182 5.53 -1.36 6.11
N LEU A 183 5.02 -2.46 5.54
CA LEU A 183 5.80 -3.69 5.47
C LEU A 183 7.03 -3.48 4.60
N LEU A 184 6.83 -2.84 3.44
CA LEU A 184 7.97 -2.54 2.55
C LEU A 184 8.99 -1.66 3.26
N VAL A 185 8.60 -0.66 4.04
CA VAL A 185 9.61 0.13 4.75
C VAL A 185 10.45 -0.74 5.68
N HIS A 186 9.79 -1.63 6.45
CA HIS A 186 10.52 -2.55 7.31
C HIS A 186 11.51 -3.39 6.52
N MET A 187 11.09 -3.97 5.40
CA MET A 187 11.95 -4.81 4.59
C MET A 187 13.14 -4.05 3.98
N MET A 188 12.86 -2.87 3.43
CA MET A 188 13.96 -2.06 2.88
C MET A 188 14.94 -1.64 3.98
N ALA A 189 14.41 -1.22 5.11
CA ALA A 189 15.27 -0.81 6.24
C ALA A 189 16.17 -1.98 6.66
N GLN A 190 15.60 -3.18 6.82
CA GLN A 190 16.38 -4.35 7.20
C GLN A 190 17.50 -4.58 6.20
N GLN A 191 17.23 -4.49 4.91
CA GLN A 191 18.21 -4.70 3.87
C GLN A 191 19.28 -3.62 3.82
N CYS A 192 19.03 -2.45 4.38
CA CYS A 192 19.99 -1.35 4.37
C CYS A 192 20.61 -1.12 5.74
N ASP A 193 20.33 -1.98 6.70
CA ASP A 193 20.80 -1.87 8.06
C ASP A 193 20.37 -0.55 8.68
N LEU A 194 19.11 -0.16 8.51
CA LEU A 194 18.56 1.07 9.05
C LEU A 194 17.40 0.74 9.98
N GLU A 195 17.06 1.65 10.86
CA GLU A 195 15.90 1.54 11.72
C GLU A 195 14.71 2.09 10.90
N VAL A 196 13.51 1.81 11.33
CA VAL A 196 12.31 2.30 10.64
C VAL A 196 11.99 3.71 11.16
N GLY A 197 11.69 4.59 10.22
CA GLY A 197 11.25 5.93 10.52
C GLY A 197 9.75 6.10 10.37
N ASP A 198 9.34 7.08 9.53
CA ASP A 198 7.92 7.34 9.37
C ASP A 198 7.41 6.81 8.02
N PHE A 199 6.14 6.42 8.02
CA PHE A 199 5.45 6.19 6.74
C PHE A 199 4.49 7.39 6.62
N VAL A 200 4.68 8.21 5.57
CA VAL A 200 3.83 9.36 5.35
C VAL A 200 2.87 9.02 4.21
N TRP A 201 1.57 9.13 4.50
CA TRP A 201 0.57 8.77 3.49
C TRP A 201 0.00 10.09 2.96
N THR A 202 0.02 10.27 1.64
CA THR A 202 -0.59 11.45 1.04
C THR A 202 -1.65 10.99 0.04
N GLY A 203 -2.83 11.56 0.17
CA GLY A 203 -3.92 11.19 -0.70
C GLY A 203 -4.33 12.30 -1.67
N GLY A 204 -4.81 11.83 -2.84
CA GLY A 204 -5.40 12.76 -3.82
C GLY A 204 -6.93 12.65 -3.62
N ASP A 205 -7.67 12.08 -4.56
CA ASP A 205 -9.13 11.94 -4.32
C ASP A 205 -9.39 10.86 -3.29
N THR A 206 -9.72 11.22 -2.07
CA THR A 206 -9.87 10.41 -0.88
C THR A 206 -11.34 10.37 -0.49
N HIS A 207 -11.93 9.18 -0.67
CA HIS A 207 -13.38 9.09 -0.52
C HIS A 207 -13.96 7.91 0.24
N LEU A 208 -15.25 8.10 0.59
CA LEU A 208 -16.03 7.05 1.25
C LEU A 208 -17.18 6.72 0.30
N TYR A 209 -17.44 5.47 -0.06
CA TYR A 209 -18.59 5.13 -0.90
C TYR A 209 -19.87 5.31 -0.10
N SER A 210 -20.95 5.80 -0.70
CA SER A 210 -22.18 5.99 0.05
C SER A 210 -22.79 4.70 0.61
N ASN A 211 -22.47 3.53 0.08
CA ASN A 211 -22.99 2.29 0.66
C ASN A 211 -22.08 1.80 1.76
N HIS A 212 -21.13 2.62 2.25
CA HIS A 212 -20.25 2.22 3.34
C HIS A 212 -20.51 3.14 4.54
N MET A 213 -21.56 3.94 4.43
CA MET A 213 -21.86 4.90 5.49
C MET A 213 -22.20 4.29 6.83
N ASP A 214 -22.98 3.21 6.90
CA ASP A 214 -23.30 2.56 8.17
C ASP A 214 -22.05 1.96 8.76
N GLN A 215 -21.25 1.27 7.92
CA GLN A 215 -19.99 0.68 8.35
C GLN A 215 -19.04 1.69 8.96
N THR A 216 -18.97 2.87 8.37
CA THR A 216 -18.13 3.99 8.78
C THR A 216 -18.63 4.49 10.13
N HIS A 217 -19.94 4.66 10.28
CA HIS A 217 -20.48 5.07 11.60
C HIS A 217 -20.12 4.02 12.63
N LEU A 218 -20.32 2.74 12.35
CA LEU A 218 -19.96 1.73 13.33
C LEU A 218 -18.50 1.73 13.73
N GLN A 219 -17.60 1.81 12.74
CA GLN A 219 -16.18 1.83 13.02
C GLN A 219 -15.80 3.07 13.81
N LEU A 220 -16.40 4.24 13.54
CA LEU A 220 -16.13 5.45 14.29
C LEU A 220 -16.60 5.39 15.75
N SER A 221 -17.46 4.43 16.09
CA SER A 221 -17.87 4.29 17.50
C SER A 221 -16.91 3.45 18.32
N ARG A 222 -15.89 2.88 17.66
CA ARG A 222 -14.91 2.04 18.34
C ARG A 222 -13.60 2.75 18.66
N GLU A 223 -13.06 2.45 19.83
CA GLU A 223 -11.80 3.00 20.28
C GLU A 223 -10.64 2.19 19.74
N PRO A 224 -9.67 2.86 19.14
CA PRO A 224 -8.47 2.18 18.68
C PRO A 224 -7.81 1.43 19.83
N ARG A 225 -7.15 0.33 19.48
CA ARG A 225 -6.43 -0.51 20.41
C ARG A 225 -4.94 -0.27 20.14
N PRO A 226 -4.10 -0.71 21.06
CA PRO A 226 -2.66 -0.55 20.93
C PRO A 226 -2.24 -1.18 19.61
N LEU A 227 -1.25 -0.62 18.95
CA LEU A 227 -0.78 -1.18 17.70
C LEU A 227 0.03 -2.45 17.94
N PRO A 228 -0.04 -3.37 17.00
CA PRO A 228 0.72 -4.59 17.04
C PRO A 228 2.17 -4.31 16.68
N LYS A 229 2.91 -5.39 16.65
CA LYS A 229 4.34 -5.34 16.35
C LYS A 229 4.69 -6.30 15.24
N LEU A 230 5.41 -5.77 14.25
CA LEU A 230 5.85 -6.59 13.14
C LEU A 230 7.14 -7.34 13.52
N ILE A 231 7.18 -8.65 13.28
CA ILE A 231 8.47 -9.31 13.51
C ILE A 231 8.88 -10.00 12.20
N ILE A 232 10.14 -9.80 11.84
CA ILE A 232 10.72 -10.41 10.65
C ILE A 232 11.59 -11.52 11.23
N LYS A 233 11.20 -12.76 11.02
CA LYS A 233 11.85 -13.92 11.63
C LYS A 233 13.22 -14.26 11.09
N ARG A 234 13.54 -13.78 9.90
CA ARG A 234 14.78 -14.09 9.21
C ARG A 234 15.27 -12.88 8.41
N LYS A 235 16.56 -12.80 8.13
CA LYS A 235 17.08 -11.72 7.29
C LYS A 235 17.59 -12.27 5.96
N PRO A 236 16.79 -12.14 4.91
CA PRO A 236 17.17 -12.64 3.59
C PRO A 236 18.39 -11.89 3.08
N GLU A 237 19.05 -12.51 2.11
CA GLU A 237 20.25 -11.91 1.50
C GLU A 237 19.87 -10.74 0.61
N SER A 238 18.62 -10.64 0.16
CA SER A 238 18.26 -9.46 -0.61
C SER A 238 16.78 -9.16 -0.47
N ILE A 239 16.40 -8.02 -1.03
CA ILE A 239 14.99 -7.58 -0.97
C ILE A 239 14.08 -8.47 -1.80
N PHE A 240 14.58 -9.27 -2.75
CA PHE A 240 13.81 -10.18 -3.57
C PHE A 240 13.67 -11.59 -3.02
N ASP A 241 14.25 -11.86 -1.86
CA ASP A 241 14.27 -13.20 -1.27
C ASP A 241 13.44 -13.39 0.00
N TYR A 242 12.51 -12.50 0.26
CA TYR A 242 11.62 -12.59 1.38
C TYR A 242 10.57 -13.67 1.05
N ARG A 243 10.12 -14.33 2.13
CA ARG A 243 9.15 -15.42 1.99
C ARG A 243 7.99 -15.10 2.91
N PHE A 244 6.83 -15.62 2.53
CA PHE A 244 5.61 -15.37 3.29
C PHE A 244 5.79 -15.60 4.77
N GLU A 245 6.42 -16.71 5.13
CA GLU A 245 6.58 -17.14 6.52
C GLU A 245 7.55 -16.30 7.31
N ASP A 246 8.29 -15.39 6.68
CA ASP A 246 9.25 -14.55 7.41
C ASP A 246 8.62 -13.52 8.33
N PHE A 247 7.36 -13.19 8.11
CA PHE A 247 6.63 -12.14 8.79
C PHE A 247 5.61 -12.66 9.80
N GLU A 248 5.62 -11.99 10.95
CA GLU A 248 4.67 -12.34 12.00
C GLU A 248 4.17 -11.05 12.65
N ILE A 249 2.88 -10.93 12.86
CA ILE A 249 2.30 -9.78 13.53
C ILE A 249 1.99 -10.28 14.95
N GLU A 250 2.49 -9.53 15.90
CA GLU A 250 2.36 -9.88 17.31
C GLU A 250 1.56 -8.84 18.05
N GLY A 251 0.70 -9.30 18.96
CA GLY A 251 -0.12 -8.42 19.74
C GLY A 251 -1.22 -7.67 18.99
N TYR A 252 -1.81 -8.28 17.96
CA TYR A 252 -2.91 -7.61 17.25
C TYR A 252 -4.22 -8.04 17.90
N ASP A 253 -4.97 -7.10 18.42
CA ASP A 253 -6.23 -7.36 19.14
C ASP A 253 -7.31 -6.42 18.67
N PRO A 254 -7.75 -6.60 17.42
CA PRO A 254 -8.75 -5.71 16.84
C PRO A 254 -10.18 -5.96 17.28
N HIS A 255 -10.99 -4.94 17.02
CA HIS A 255 -12.44 -5.03 17.16
C HIS A 255 -12.81 -5.94 15.99
N PRO A 256 -14.03 -6.44 15.96
CA PRO A 256 -14.49 -7.31 14.89
C PRO A 256 -14.44 -6.70 13.49
N GLY A 257 -14.25 -7.61 12.55
CA GLY A 257 -14.22 -7.42 11.12
C GLY A 257 -15.51 -6.80 10.65
N ILE A 258 -15.44 -5.86 9.69
CA ILE A 258 -16.63 -5.23 9.16
C ILE A 258 -16.61 -5.40 7.66
N LYS A 259 -17.68 -5.98 7.12
CA LYS A 259 -17.73 -6.19 5.68
C LYS A 259 -18.13 -4.96 4.90
N ALA A 260 -17.63 -4.92 3.66
CA ALA A 260 -17.83 -3.86 2.71
C ALA A 260 -18.40 -4.31 1.38
N PRO A 261 -19.71 -4.15 1.19
CA PRO A 261 -20.28 -4.54 -0.10
C PRO A 261 -19.90 -3.56 -1.19
N VAL A 262 -19.78 -4.06 -2.43
CA VAL A 262 -19.43 -3.20 -3.55
C VAL A 262 -20.43 -3.40 -4.68
N ALA A 263 -20.79 -2.30 -5.34
CA ALA A 263 -21.69 -2.38 -6.48
C ALA A 263 -20.91 -2.86 -7.69
N ILE A 264 -21.56 -3.35 -8.72
CA ILE A 264 -20.83 -3.78 -9.93
C ILE A 264 -21.44 -3.02 -11.10
S SO4 B . -3.99 -12.60 8.64
O1 SO4 B . -3.15 -13.82 8.90
O2 SO4 B . -4.38 -12.63 7.20
O3 SO4 B . -5.21 -12.64 9.54
O4 SO4 B . -3.18 -11.38 8.94
S SO4 C . -19.42 -2.83 18.26
O1 SO4 C . -19.22 -3.66 19.49
O2 SO4 C . -19.53 -3.71 17.07
O3 SO4 C . -20.73 -2.06 18.43
O4 SO4 C . -18.30 -1.85 18.13
S SO4 D . -12.41 -1.21 23.84
O1 SO4 D . -11.97 -0.63 25.14
O2 SO4 D . -12.44 -2.70 23.96
O3 SO4 D . -13.78 -0.76 23.47
O4 SO4 D . -11.43 -0.83 22.77
S SO4 E . -4.52 -18.13 -13.61
O1 SO4 E . -3.93 -18.30 -12.25
O2 SO4 E . -5.03 -19.47 -14.06
O3 SO4 E . -5.69 -17.18 -13.60
O4 SO4 E . -3.48 -17.60 -14.56
C1 TPR F . -6.36 -5.46 -0.34
C2 TPR F . -7.69 -5.86 -0.21
C3 TPR F . -8.68 -5.21 -0.95
C4 TPR F . -8.36 -4.16 -1.83
C5 TPR F . -7.04 -3.78 -1.93
C6 TPR F . -6.02 -4.42 -1.22
C7 TPR F . -8.09 -6.99 0.74
S8 TPR F . -6.57 -2.50 -3.05
O9 TPR F . -5.52 -1.52 -2.37
O10 TPR F . -7.86 -1.67 -3.48
N TPR F . -5.79 -3.17 -4.47
CD TPR F . -5.67 -4.63 -4.48
CG TPR F . -6.39 -5.05 -5.75
CB TPR F . -6.20 -3.87 -6.70
CA TPR F . -6.15 -2.62 -5.78
C TPR F . -5.23 -1.47 -6.24
O TPR F . -5.62 -0.59 -7.01
OXT TPR F . -3.97 -1.42 -5.73
C1 TPR G . 11.69 -13.10 -12.45
C2 TPR G . 12.30 -13.98 -13.36
C3 TPR G . 11.82 -14.04 -14.68
C4 TPR G . 10.74 -13.25 -15.09
C5 TPR G . 10.12 -12.41 -14.17
C6 TPR G . 10.59 -12.32 -12.85
C7 TPR G . 13.49 -14.85 -12.98
S8 TPR G . 8.75 -11.36 -14.60
O9 TPR G . 7.83 -11.17 -13.35
O10 TPR G . 8.03 -11.74 -15.91
N TPR G . 9.42 -9.73 -14.98
CD TPR G . 10.13 -9.13 -13.84
CG TPR G . 11.44 -8.63 -14.40
CB TPR G . 11.31 -8.70 -15.92
CA TPR G . 10.25 -9.80 -16.20
C TPR G . 9.43 -9.65 -17.50
O TPR G . 9.79 -10.22 -18.54
OXT TPR G . 8.29 -8.90 -17.44
C1 GOL H . -10.14 5.82 -9.94
O1 GOL H . -10.13 4.71 -9.03
C2 GOL H . -10.41 5.30 -11.37
O2 GOL H . -9.35 4.36 -11.72
C3 GOL H . -10.49 6.38 -12.46
O3 GOL H . -11.35 7.53 -12.28
C1 GOL I . 1.66 -13.12 10.56
O1 GOL I . 1.26 -12.72 11.85
C2 GOL I . 0.77 -12.45 9.47
O2 GOL I . -0.51 -12.12 10.03
C3 GOL I . 0.61 -13.41 8.27
O3 GOL I . -0.73 -13.46 7.75
C1 GOL J . 13.81 -10.89 -9.18
O1 GOL J . 12.98 -10.61 -10.33
C2 GOL J . 15.25 -10.29 -9.38
O2 GOL J . 15.33 -9.68 -10.69
C3 GOL J . 16.34 -11.40 -9.25
O3 GOL J . 16.65 -12.00 -10.52
#